data_4DQG
#
_entry.id   4DQG
#
_cell.length_a   51.472
_cell.length_b   58.168
_cell.length_c   61.043
_cell.angle_alpha   90.00
_cell.angle_beta   90.00
_cell.angle_gamma   90.00
#
_symmetry.space_group_name_H-M   'P 21 21 21'
#
loop_
_entity.id
_entity.type
_entity.pdbx_description
1 polymer 'Aspartyl protease'
2 non-polymer N-HYDROXYGUANIDINE
3 non-polymer GLYCEROL
4 non-polymer 'OXYGEN MOLECULE'
5 non-polymer 'ACETATE ION'
6 non-polymer 'PHOSPHATE ION'
7 water water
#
_entity_poly.entity_id   1
_entity_poly.type   'polypeptide(L)'
_entity_poly.pdbx_seq_one_letter_code
;PQITLWKRPLVTIRICGQLKEALLDTGADDTVIEEMNCPGKWKPKMIGGIGGFIKVRQYDQIIIEIAGHKAIGTVLVGPT
PVNIIGRNLLTQIGATLNF
;
_entity_poly.pdbx_strand_id   A,B
#
loop_
_chem_comp.id
_chem_comp.type
_chem_comp.name
_chem_comp.formula
ACT non-polymer 'ACETATE ION' 'C2 H3 O2 -1'
GOL non-polymer GLYCEROL 'C3 H8 O3'
HGU non-polymer N-HYDROXYGUANIDINE 'C H5 N3 O'
OXY non-polymer 'OXYGEN MOLECULE' O2
PO4 non-polymer 'PHOSPHATE ION' 'O4 P -3'
#
# COMPACT_ATOMS: atom_id res chain seq x y z
N PRO A 1 -18.48 -5.08 1.79
CA PRO A 1 -18.30 -5.45 0.39
C PRO A 1 -17.08 -6.33 0.18
N GLN A 2 -16.86 -6.72 -1.07
CA GLN A 2 -15.62 -7.36 -1.49
C GLN A 2 -14.95 -6.49 -2.56
N ILE A 3 -13.91 -5.75 -2.21
CA ILE A 3 -13.16 -5.02 -3.24
C ILE A 3 -12.18 -5.99 -3.90
N THR A 4 -12.24 -6.02 -5.22
CA THR A 4 -11.36 -6.84 -6.02
C THR A 4 -10.19 -5.94 -6.45
N LEU A 5 -9.09 -6.52 -6.95
CA LEU A 5 -7.88 -5.71 -7.08
C LEU A 5 -7.45 -5.41 -8.51
N TRP A 6 -8.40 -5.43 -9.43
CA TRP A 6 -8.16 -5.09 -10.83
C TRP A 6 -7.95 -3.63 -11.02
N LYS A 7 -8.63 -2.84 -10.18
CA LYS A 7 -8.56 -1.39 -10.22
C LYS A 7 -8.21 -0.93 -8.81
N ARG A 8 -7.62 0.26 -8.69
CA ARG A 8 -7.21 0.78 -7.39
C ARG A 8 -8.41 0.74 -6.47
N PRO A 9 -8.25 0.18 -5.25
CA PRO A 9 -9.36 0.08 -4.31
C PRO A 9 -9.74 1.44 -3.69
N LEU A 10 -10.34 2.30 -4.51
CA LEU A 10 -10.73 3.65 -4.11
C LEU A 10 -12.11 3.63 -3.51
N VAL A 11 -12.28 4.49 -2.51
CA VAL A 11 -13.45 4.47 -1.66
C VAL A 11 -13.74 5.90 -1.23
N THR A 12 -15.00 6.24 -1.04
CA THR A 12 -15.38 7.54 -0.50
C THR A 12 -15.19 7.58 1.02
N ILE A 13 -14.61 8.68 1.51
CA ILE A 13 -14.43 8.91 2.93
C ILE A 13 -14.89 10.29 3.29
N ARG A 14 -15.63 10.42 4.39
CA ARG A 14 -15.96 11.74 4.94
C ARG A 14 -15.00 12.05 6.07
N ILE A 15 -14.15 13.04 5.86
CA ILE A 15 -13.33 13.53 6.95
C ILE A 15 -13.58 15.01 7.11
N CYS A 16 -13.85 15.40 8.36
CA CYS A 16 -13.98 16.79 8.71
C CYS A 16 -15.03 17.45 7.81
N GLY A 17 -16.20 16.82 7.75
CA GLY A 17 -17.37 17.41 7.10
C GLY A 17 -17.24 17.51 5.59
N GLN A 18 -16.20 16.87 5.06
CA GLN A 18 -15.89 16.96 3.65
C GLN A 18 -15.74 15.55 3.07
N LEU A 19 -16.42 15.33 1.94
CA LEU A 19 -16.32 14.06 1.23
C LEU A 19 -15.07 14.08 0.36
N LYS A 20 -14.35 12.96 0.37
CA LYS A 20 -13.14 12.74 -0.44
C LYS A 20 -12.98 11.28 -0.89
N GLU A 21 -12.09 11.08 -1.84
CA GLU A 21 -11.77 9.77 -2.38
C GLU A 21 -10.42 9.37 -1.79
N ALA A 22 -10.32 8.13 -1.31
CA ALA A 22 -9.07 7.60 -0.74
C ALA A 22 -8.81 6.17 -1.18
N LEU A 23 -7.59 5.74 -0.96
CA LEU A 23 -7.13 4.43 -1.37
C LEU A 23 -7.05 3.50 -0.16
N LEU A 24 -7.61 2.29 -0.29
CA LEU A 24 -7.45 1.27 0.76
C LEU A 24 -6.06 0.62 0.67
N ASP A 25 -5.16 0.99 1.58
CA ASP A 25 -3.74 0.66 1.41
C ASP A 25 -3.14 -0.21 2.52
N THR A 26 -3.29 -1.53 2.38
CA THR A 26 -2.71 -2.46 3.31
C THR A 26 -1.21 -2.26 3.51
N GLY A 27 -0.56 -1.62 2.54
CA GLY A 27 0.87 -1.32 2.65
C GLY A 27 1.25 -0.16 3.57
N ALA A 28 0.25 0.61 4.01
CA ALA A 28 0.49 1.76 4.87
C ALA A 28 0.21 1.43 6.34
N ASP A 29 1.17 1.72 7.21
CA ASP A 29 0.93 1.58 8.65
C ASP A 29 -0.03 2.67 9.13
N ASP A 30 0.04 3.82 8.46
CA ASP A 30 -0.70 5.01 8.87
C ASP A 30 -1.60 5.49 7.76
N THR A 31 -2.46 6.45 8.11
CA THR A 31 -3.40 7.05 7.17
C THR A 31 -2.97 8.48 6.82
N VAL A 32 -3.05 8.82 5.53
CA VAL A 32 -2.53 10.09 5.05
C VAL A 32 -3.52 10.70 4.08
N ILE A 33 -3.87 11.97 4.28
CA ILE A 33 -4.89 12.65 3.48
C ILE A 33 -4.36 14.00 2.98
N GLU A 34 -4.76 14.41 1.78
CA GLU A 34 -4.28 15.67 1.17
C GLU A 34 -4.61 16.86 2.07
N GLU A 35 -3.80 17.91 1.91
CA GLU A 35 -3.75 19.08 2.82
C GLU A 35 -5.13 19.66 3.15
N MET A 36 -5.57 19.41 4.37
CA MET A 36 -6.84 19.90 4.88
C MET A 36 -6.61 21.21 5.64
N ASN A 37 -7.64 21.70 6.31
CA ASN A 37 -7.51 22.83 7.22
C ASN A 37 -8.16 22.60 8.57
N CYS A 38 -8.50 21.37 8.87
CA CYS A 38 -9.28 21.07 10.06
C CYS A 38 -8.43 21.28 11.26
N PRO A 39 -8.78 22.31 12.06
CA PRO A 39 -7.91 22.65 13.17
C PRO A 39 -7.84 21.54 14.20
N GLY A 40 -6.96 21.73 15.16
CA GLY A 40 -6.73 20.76 16.20
C GLY A 40 -5.29 20.81 16.65
N LYS A 41 -5.02 20.23 17.81
CA LYS A 41 -3.66 19.98 18.22
C LYS A 41 -3.07 18.94 17.24
N TRP A 42 -1.86 19.18 16.77
CA TRP A 42 -1.12 18.22 15.92
C TRP A 42 0.36 18.22 16.20
N LYS A 43 1.01 17.07 16.08
CA LYS A 43 2.48 16.99 16.19
C LYS A 43 3.09 16.85 14.78
N PRO A 44 4.24 17.51 14.52
CA PRO A 44 4.93 17.28 13.26
C PRO A 44 5.44 15.84 13.13
N LYS A 45 5.49 15.35 11.90
CA LYS A 45 5.92 13.98 11.63
C LYS A 45 6.44 13.87 10.18
N MET A 46 7.36 12.91 9.97
CA MET A 46 7.89 12.59 8.65
C MET A 46 7.59 11.13 8.38
N ILE A 47 6.91 10.85 7.27
CA ILE A 47 6.65 9.46 6.94
C ILE A 47 7.35 9.09 5.64
N GLY A 48 7.85 7.86 5.58
CA GLY A 48 8.65 7.41 4.45
C GLY A 48 7.90 6.47 3.56
N GLY A 49 8.30 6.45 2.29
CA GLY A 49 7.69 5.61 1.25
C GLY A 49 8.73 5.28 0.19
N ILE A 50 8.35 5.21 -1.09
CA ILE A 50 9.27 4.73 -2.13
C ILE A 50 10.36 5.76 -2.42
N GLY A 51 9.93 6.95 -2.81
CA GLY A 51 10.89 7.96 -3.27
C GLY A 51 11.53 8.81 -2.19
N GLY A 52 11.32 8.45 -0.92
CA GLY A 52 11.83 9.22 0.21
C GLY A 52 10.78 9.52 1.26
N PHE A 53 10.92 10.68 1.92
CA PHE A 53 10.05 11.09 3.03
C PHE A 53 9.32 12.41 2.77
N ILE A 54 8.12 12.56 3.31
CA ILE A 54 7.43 13.84 3.31
C ILE A 54 7.07 14.27 4.73
N LYS A 55 6.92 15.58 4.92
CA LYS A 55 6.50 16.16 6.20
C LYS A 55 5.00 16.04 6.29
N VAL A 56 4.49 15.62 7.45
CA VAL A 56 3.06 15.68 7.71
C VAL A 56 2.73 16.24 9.09
N ARG A 57 1.47 16.63 9.24
CA ARG A 57 0.90 17.02 10.53
C ARG A 57 0.06 15.83 11.00
N GLN A 58 0.38 15.36 12.21
CA GLN A 58 -0.31 14.24 12.85
C GLN A 58 -1.39 14.75 13.79
N TYR A 59 -2.63 14.45 13.45
CA TYR A 59 -3.77 14.67 14.33
C TYR A 59 -4.20 13.36 14.96
N ASP A 60 -4.66 13.40 16.21
CA ASP A 60 -5.08 12.20 16.93
C ASP A 60 -6.59 12.18 17.10
N GLN A 61 -7.14 10.98 17.31
CA GLN A 61 -8.57 10.79 17.58
C GLN A 61 -9.46 11.54 16.59
N ILE A 62 -9.12 11.44 15.30
CA ILE A 62 -9.94 12.03 14.26
C ILE A 62 -11.00 11.02 13.86
N ILE A 63 -12.20 11.54 13.63
CA ILE A 63 -13.35 10.77 13.13
C ILE A 63 -13.35 10.73 11.59
N ILE A 64 -13.66 9.56 11.04
CA ILE A 64 -13.77 9.35 9.60
C ILE A 64 -14.88 8.37 9.31
N GLU A 65 -15.51 8.51 8.16
CA GLU A 65 -16.32 7.44 7.60
C GLU A 65 -15.55 6.83 6.44
N ILE A 66 -15.54 5.50 6.33
CA ILE A 66 -14.83 4.84 5.23
C ILE A 66 -15.78 3.87 4.51
N ALA A 67 -16.31 4.33 3.37
CA ALA A 67 -17.32 3.59 2.63
C ALA A 67 -18.46 3.21 3.60
N GLY A 68 -18.92 4.20 4.37
CA GLY A 68 -20.07 4.01 5.27
C GLY A 68 -19.74 3.45 6.65
N HIS A 69 -18.46 3.18 6.91
CA HIS A 69 -18.05 2.66 8.20
C HIS A 69 -17.42 3.76 9.02
N LYS A 70 -17.96 3.98 10.22
CA LYS A 70 -17.43 5.02 11.12
C LYS A 70 -16.14 4.48 11.76
N ALA A 71 -15.12 5.35 11.82
CA ALA A 71 -13.84 5.00 12.44
C ALA A 71 -13.35 6.20 13.21
N ILE A 72 -12.34 6.00 14.03
CA ILE A 72 -11.78 7.06 14.87
C ILE A 72 -10.30 6.72 15.10
N GLY A 73 -9.40 7.57 14.61
CA GLY A 73 -7.98 7.31 14.74
C GLY A 73 -7.07 8.45 14.31
N THR A 74 -5.78 8.15 14.32
CA THR A 74 -4.76 9.07 13.85
C THR A 74 -4.81 9.24 12.33
N VAL A 75 -5.03 10.47 11.89
CA VAL A 75 -4.90 10.84 10.48
C VAL A 75 -3.70 11.75 10.35
N LEU A 76 -2.95 11.55 9.28
CA LEU A 76 -1.80 12.38 8.96
C LEU A 76 -2.18 13.22 7.77
N VAL A 77 -1.86 14.51 7.81
CA VAL A 77 -2.20 15.40 6.71
C VAL A 77 -0.90 15.95 6.13
N GLY A 78 -0.78 15.93 4.82
CA GLY A 78 0.40 16.47 4.14
C GLY A 78 0.34 16.25 2.63
N PRO A 79 1.37 16.70 1.88
CA PRO A 79 1.37 16.66 0.40
C PRO A 79 1.49 15.25 -0.20
N THR A 80 0.45 14.46 0.02
CA THR A 80 0.41 13.09 -0.48
C THR A 80 -0.27 13.10 -1.84
N PRO A 81 0.28 12.34 -2.82
CA PRO A 81 -0.31 12.33 -4.16
C PRO A 81 -1.70 11.68 -4.23
N VAL A 82 -2.03 10.83 -3.27
CA VAL A 82 -3.37 10.29 -3.18
C VAL A 82 -3.73 9.99 -1.72
N ASN A 83 -4.99 10.23 -1.36
CA ASN A 83 -5.44 10.00 0.00
C ASN A 83 -5.38 8.50 0.29
N ILE A 84 -4.70 8.15 1.38
CA ILE A 84 -4.37 6.77 1.73
C ILE A 84 -4.94 6.40 3.09
N ILE A 85 -5.65 5.27 3.11
CA ILE A 85 -6.16 4.66 4.36
C ILE A 85 -5.31 3.45 4.72
N GLY A 86 -4.48 3.62 5.73
CA GLY A 86 -3.57 2.59 6.17
C GLY A 86 -4.16 1.72 7.26
N ARG A 87 -3.35 0.82 7.79
CA ARG A 87 -3.82 -0.25 8.67
C ARG A 87 -4.43 0.25 9.97
N ASN A 88 -3.91 1.36 10.48
CA ASN A 88 -4.47 1.94 11.70
C ASN A 88 -6.03 2.07 11.59
N LEU A 89 -6.53 2.42 10.41
CA LEU A 89 -7.97 2.56 10.19
C LEU A 89 -8.62 1.34 9.54
N LEU A 90 -7.86 0.57 8.76
CA LEU A 90 -8.43 -0.60 8.10
C LEU A 90 -8.85 -1.67 9.13
N THR A 91 -8.06 -1.82 10.19
CA THR A 91 -8.43 -2.73 11.29
C THR A 91 -9.77 -2.36 11.89
N GLN A 92 -10.03 -1.06 11.98
CA GLN A 92 -11.24 -0.54 12.64
C GLN A 92 -12.53 -0.76 11.83
N ILE A 93 -12.42 -0.86 10.50
CA ILE A 93 -13.59 -1.18 9.68
C ILE A 93 -13.62 -2.66 9.37
N GLY A 94 -12.78 -3.42 10.07
CA GLY A 94 -12.77 -4.89 9.99
C GLY A 94 -12.29 -5.48 8.67
N ALA A 95 -11.47 -4.72 7.95
CA ALA A 95 -10.98 -5.15 6.63
C ALA A 95 -9.90 -6.22 6.74
N THR A 96 -9.98 -7.18 5.81
CA THR A 96 -9.07 -8.31 5.74
C THR A 96 -8.64 -8.55 4.30
N LEU A 97 -7.47 -9.17 4.15
CA LEU A 97 -7.00 -9.69 2.87
C LEU A 97 -7.36 -11.16 2.77
N ASN A 98 -7.82 -11.60 1.60
CA ASN A 98 -8.18 -13.00 1.41
C ASN A 98 -7.73 -13.55 0.05
N PHE A 99 -7.18 -14.77 0.06
CA PHE A 99 -6.91 -15.49 -1.19
C PHE A 99 -6.80 -17.01 -0.99
N PRO B 1 -5.63 -17.87 2.69
CA PRO B 1 -5.75 -17.44 4.07
C PRO B 1 -6.54 -16.15 4.21
N GLN B 2 -7.08 -15.93 5.41
CA GLN B 2 -7.57 -14.62 5.82
C GLN B 2 -6.48 -13.92 6.65
N ILE B 3 -6.16 -12.69 6.23
CA ILE B 3 -5.09 -11.93 6.86
C ILE B 3 -5.69 -10.64 7.41
N THR B 4 -5.69 -10.54 8.74
CA THR B 4 -6.09 -9.32 9.43
C THR B 4 -4.90 -8.38 9.37
N LEU B 5 -5.14 -7.11 9.66
CA LEU B 5 -4.12 -6.09 9.44
C LEU B 5 -3.66 -5.41 10.72
N TRP B 6 -3.69 -6.15 11.83
CA TRP B 6 -3.17 -5.62 13.09
C TRP B 6 -1.69 -5.55 12.96
N LYS B 7 -1.12 -6.53 12.28
CA LYS B 7 0.30 -6.55 11.94
C LYS B 7 0.48 -6.29 10.44
N ARG B 8 1.66 -5.80 10.05
CA ARG B 8 2.05 -5.68 8.66
C ARG B 8 1.83 -7.03 7.98
N PRO B 9 1.05 -7.05 6.88
CA PRO B 9 0.76 -8.30 6.17
C PRO B 9 1.95 -8.78 5.33
N LEU B 10 2.95 -9.31 6.03
CA LEU B 10 4.16 -9.79 5.40
C LEU B 10 4.02 -11.27 5.10
N VAL B 11 4.71 -11.72 4.06
CA VAL B 11 4.75 -13.10 3.65
C VAL B 11 6.14 -13.43 3.08
N THR B 12 6.49 -14.70 3.11
CA THR B 12 7.68 -15.20 2.42
C THR B 12 7.32 -15.31 0.95
N ILE B 13 8.28 -14.97 0.09
CA ILE B 13 8.16 -15.19 -1.34
C ILE B 13 9.38 -15.90 -1.88
N ARG B 14 9.23 -16.46 -3.08
CA ARG B 14 10.37 -16.99 -3.80
C ARG B 14 10.56 -16.26 -5.11
N ILE B 15 11.65 -15.52 -5.20
CA ILE B 15 11.91 -14.74 -6.39
C ILE B 15 13.35 -14.97 -6.80
N CYS B 16 13.55 -15.21 -8.10
CA CYS B 16 14.86 -15.42 -8.69
C CYS B 16 15.80 -16.27 -7.82
N GLY B 17 15.28 -17.37 -7.29
CA GLY B 17 16.05 -18.27 -6.44
C GLY B 17 16.06 -17.92 -4.96
N GLN B 18 16.15 -16.64 -4.63
CA GLN B 18 16.21 -16.21 -3.23
C GLN B 18 14.85 -16.31 -2.55
N LEU B 19 14.83 -16.73 -1.27
CA LEU B 19 13.65 -16.56 -0.41
C LEU B 19 13.71 -15.17 0.22
N LYS B 20 12.57 -14.48 0.29
CA LYS B 20 12.54 -13.13 0.82
C LYS B 20 11.19 -12.79 1.44
N GLU B 21 11.16 -11.69 2.18
CA GLU B 21 9.97 -11.29 2.91
C GLU B 21 9.37 -10.07 2.22
N ALA B 22 8.06 -10.10 1.97
CA ALA B 22 7.41 -9.05 1.20
C ALA B 22 6.04 -8.67 1.74
N LEU B 23 5.65 -7.44 1.45
CA LEU B 23 4.43 -6.86 1.99
C LEU B 23 3.33 -6.96 0.94
N LEU B 24 2.22 -7.59 1.31
CA LEU B 24 1.04 -7.60 0.46
C LEU B 24 0.42 -6.19 0.47
N ASP B 25 0.60 -5.47 -0.62
CA ASP B 25 0.30 -4.02 -0.66
C ASP B 25 -0.74 -3.68 -1.71
N THR B 26 -1.96 -3.44 -1.24
CA THR B 26 -3.09 -3.13 -2.11
C THR B 26 -3.08 -1.69 -2.63
N GLY B 27 -2.22 -0.83 -2.08
CA GLY B 27 -2.00 0.50 -2.63
C GLY B 27 -0.98 0.58 -3.78
N ALA B 28 -0.22 -0.49 -3.99
CA ALA B 28 0.76 -0.51 -5.06
C ALA B 28 0.17 -1.12 -6.34
N ASP B 29 0.24 -0.38 -7.44
CA ASP B 29 -0.10 -0.90 -8.77
C ASP B 29 0.88 -2.02 -9.17
N ASP B 30 2.15 -1.79 -8.83
CA ASP B 30 3.23 -2.67 -9.21
C ASP B 30 3.91 -3.31 -8.00
N THR B 31 4.63 -4.39 -8.28
CA THR B 31 5.41 -5.13 -7.32
C THR B 31 6.86 -4.69 -7.38
N VAL B 32 7.41 -4.17 -6.28
CA VAL B 32 8.78 -3.67 -6.26
C VAL B 32 9.60 -4.43 -5.21
N ILE B 33 10.77 -4.93 -5.59
CA ILE B 33 11.64 -5.67 -4.68
C ILE B 33 13.01 -5.00 -4.57
N GLU B 34 13.58 -5.03 -3.38
CA GLU B 34 14.91 -4.48 -3.14
C GLU B 34 15.88 -5.06 -4.16
N GLU B 35 16.94 -4.32 -4.46
CA GLU B 35 17.90 -4.68 -5.53
C GLU B 35 18.49 -6.08 -5.35
N MET B 36 18.41 -6.85 -6.41
CA MET B 36 18.95 -8.19 -6.48
C MET B 36 19.02 -8.53 -7.96
N ASN B 37 19.83 -9.52 -8.31
CA ASN B 37 19.94 -9.90 -9.69
C ASN B 37 18.87 -10.91 -10.08
N CYS B 38 18.26 -10.66 -11.22
CA CYS B 38 17.40 -11.65 -11.83
C CYS B 38 17.85 -11.80 -13.27
N PRO B 39 17.78 -13.01 -13.81
CA PRO B 39 18.27 -13.12 -15.17
C PRO B 39 17.24 -12.68 -16.20
N GLY B 40 17.70 -12.54 -17.44
CA GLY B 40 16.86 -12.11 -18.55
C GLY B 40 17.08 -10.65 -18.86
N LYS B 41 16.47 -10.21 -19.96
CA LYS B 41 16.47 -8.80 -20.34
C LYS B 41 15.61 -8.02 -19.35
N TRP B 42 16.09 -6.84 -18.96
CA TRP B 42 15.29 -5.87 -18.20
C TRP B 42 15.37 -4.54 -18.87
N LYS B 43 14.33 -3.74 -18.70
CA LYS B 43 14.33 -2.36 -19.21
C LYS B 43 14.19 -1.35 -18.05
N PRO B 44 14.97 -0.26 -18.09
CA PRO B 44 14.82 0.74 -17.02
C PRO B 44 13.50 1.50 -17.08
N LYS B 45 12.88 1.63 -15.91
CA LYS B 45 11.65 2.40 -15.76
C LYS B 45 11.79 3.29 -14.51
N MET B 46 10.74 4.05 -14.21
CA MET B 46 10.72 4.89 -13.01
C MET B 46 9.33 4.87 -12.38
N ILE B 47 9.29 4.64 -11.08
CA ILE B 47 8.02 4.55 -10.39
C ILE B 47 7.95 5.58 -9.28
N GLY B 48 6.73 6.00 -9.00
CA GLY B 48 6.48 6.94 -7.93
C GLY B 48 5.83 6.29 -6.73
N GLY B 49 5.74 7.09 -5.69
CA GLY B 49 5.07 6.73 -4.47
C GLY B 49 5.25 7.95 -3.61
N ILE B 50 4.72 7.91 -2.38
CA ILE B 50 4.99 8.98 -1.45
C ILE B 50 6.49 9.19 -1.45
N GLY B 51 6.90 10.46 -1.38
CA GLY B 51 8.32 10.78 -1.29
C GLY B 51 8.93 11.03 -2.65
N GLY B 52 8.34 10.41 -3.67
CA GLY B 52 8.66 10.77 -5.05
C GLY B 52 8.98 9.57 -5.86
N PHE B 53 9.94 9.72 -6.77
CA PHE B 53 10.22 8.71 -7.78
C PHE B 53 11.56 8.06 -7.57
N ILE B 54 11.70 6.83 -8.07
CA ILE B 54 12.97 6.13 -8.04
C ILE B 54 13.13 5.35 -9.34
N LYS B 55 14.38 5.14 -9.73
CA LYS B 55 14.71 4.40 -10.94
C LYS B 55 14.76 2.93 -10.56
N VAL B 56 14.10 2.11 -11.37
CA VAL B 56 13.99 0.68 -11.16
C VAL B 56 14.28 -0.08 -12.44
N ARG B 57 14.56 -1.37 -12.31
CA ARG B 57 14.75 -2.22 -13.47
C ARG B 57 13.55 -3.14 -13.62
N GLN B 58 12.94 -3.13 -14.80
CA GLN B 58 11.74 -3.92 -15.03
C GLN B 58 12.06 -5.30 -15.62
N TYR B 59 11.75 -6.34 -14.86
CA TYR B 59 11.77 -7.71 -15.36
C TYR B 59 10.34 -8.17 -15.69
N ASP B 60 10.15 -8.70 -16.91
CA ASP B 60 8.85 -9.26 -17.35
C ASP B 60 8.79 -10.78 -17.13
N GLN B 61 7.57 -11.32 -17.19
CA GLN B 61 7.31 -12.75 -16.97
C GLN B 61 8.28 -13.41 -16.00
N ILE B 62 8.36 -12.88 -14.78
CA ILE B 62 9.12 -13.52 -13.70
C ILE B 62 8.20 -14.38 -12.87
N ILE B 63 8.61 -15.62 -12.61
CA ILE B 63 7.91 -16.49 -11.65
C ILE B 63 8.16 -15.97 -10.24
N ILE B 64 7.08 -15.76 -9.50
CA ILE B 64 7.13 -15.44 -8.07
C ILE B 64 6.18 -16.41 -7.41
N GLU B 65 6.63 -16.99 -6.30
CA GLU B 65 5.74 -17.72 -5.43
C GLU B 65 5.47 -16.85 -4.23
N ILE B 66 4.21 -16.54 -3.99
CA ILE B 66 3.79 -15.68 -2.90
C ILE B 66 2.99 -16.50 -1.91
N ALA B 67 3.60 -16.80 -0.76
CA ALA B 67 2.90 -17.50 0.30
C ALA B 67 2.35 -18.82 -0.25
N GLY B 68 3.18 -19.55 -0.99
CA GLY B 68 2.79 -20.82 -1.58
C GLY B 68 1.95 -20.72 -2.84
N HIS B 69 1.55 -19.52 -3.23
CA HIS B 69 0.79 -19.34 -4.45
C HIS B 69 1.66 -18.88 -5.59
N LYS B 70 1.42 -19.42 -6.79
CA LYS B 70 2.23 -19.07 -7.95
C LYS B 70 1.69 -17.83 -8.68
N ALA B 71 2.60 -16.91 -9.00
CA ALA B 71 2.35 -15.80 -9.93
C ALA B 71 3.46 -15.78 -11.01
N ILE B 72 3.17 -15.18 -12.16
CA ILE B 72 4.18 -14.98 -13.20
C ILE B 72 3.89 -13.66 -13.91
N GLY B 73 4.72 -12.67 -13.62
CA GLY B 73 4.60 -11.37 -14.26
C GLY B 73 5.69 -10.39 -13.85
N THR B 74 5.35 -9.11 -13.90
CA THR B 74 6.34 -8.05 -13.83
C THR B 74 6.76 -7.73 -12.41
N VAL B 75 8.08 -7.65 -12.24
CA VAL B 75 8.71 -7.33 -11.00
C VAL B 75 9.69 -6.18 -11.29
N LEU B 76 9.60 -5.14 -10.47
CA LEU B 76 10.41 -3.94 -10.60
C LEU B 76 11.46 -3.98 -9.49
N VAL B 77 12.73 -4.15 -9.87
CA VAL B 77 13.78 -4.25 -8.88
C VAL B 77 14.44 -2.90 -8.75
N GLY B 78 14.54 -2.39 -7.53
CA GLY B 78 15.09 -1.05 -7.29
C GLY B 78 15.26 -0.79 -5.81
N PRO B 79 15.54 0.47 -5.41
CA PRO B 79 15.74 0.86 -4.02
C PRO B 79 14.44 1.15 -3.27
N THR B 80 13.65 0.10 -3.03
CA THR B 80 12.44 0.26 -2.24
C THR B 80 12.78 0.01 -0.78
N PRO B 81 12.16 0.78 0.14
CA PRO B 81 12.31 0.56 1.59
C PRO B 81 11.98 -0.84 2.03
N VAL B 82 10.94 -1.39 1.40
CA VAL B 82 10.39 -2.70 1.74
C VAL B 82 9.96 -3.40 0.45
N ASN B 83 10.17 -4.72 0.38
CA ASN B 83 9.62 -5.51 -0.72
C ASN B 83 8.11 -5.46 -0.65
N ILE B 84 7.45 -5.12 -1.75
CA ILE B 84 5.99 -4.99 -1.78
C ILE B 84 5.38 -5.76 -2.95
N ILE B 85 4.30 -6.49 -2.67
CA ILE B 85 3.53 -7.21 -3.69
C ILE B 85 2.30 -6.36 -4.07
N GLY B 86 2.27 -5.93 -5.32
CA GLY B 86 1.27 -4.99 -5.80
C GLY B 86 0.11 -5.71 -6.46
N ARG B 87 -0.84 -4.91 -6.93
CA ARG B 87 -2.08 -5.43 -7.49
C ARG B 87 -1.85 -6.30 -8.75
N ASN B 88 -0.75 -6.07 -9.47
CA ASN B 88 -0.44 -6.89 -10.67
C ASN B 88 -0.24 -8.39 -10.39
N LEU B 89 0.24 -8.70 -9.18
CA LEU B 89 0.37 -10.09 -8.68
C LEU B 89 -0.74 -10.51 -7.68
N LEU B 90 -1.16 -9.58 -6.83
CA LEU B 90 -2.25 -9.87 -5.90
C LEU B 90 -3.49 -10.38 -6.65
N THR B 91 -3.73 -9.85 -7.86
CA THR B 91 -4.83 -10.35 -8.68
C THR B 91 -4.51 -11.74 -9.21
N GLN B 92 -3.25 -12.00 -9.52
CA GLN B 92 -2.86 -13.35 -10.03
C GLN B 92 -3.17 -14.48 -9.04
N ILE B 93 -3.05 -14.20 -7.74
CA ILE B 93 -3.28 -15.20 -6.69
C ILE B 93 -4.71 -15.15 -6.13
N GLY B 94 -5.54 -14.24 -6.64
CA GLY B 94 -6.94 -14.16 -6.28
C GLY B 94 -7.18 -13.35 -5.04
N ALA B 95 -6.39 -12.30 -4.85
CA ALA B 95 -6.45 -11.53 -3.61
C ALA B 95 -7.57 -10.48 -3.67
N THR B 96 -8.33 -10.37 -2.58
CA THR B 96 -9.39 -9.36 -2.45
C THR B 96 -9.43 -8.76 -1.04
N LEU B 97 -9.77 -7.48 -0.98
CA LEU B 97 -10.07 -6.81 0.27
C LEU B 97 -11.53 -7.03 0.62
N ASN B 98 -11.76 -7.36 1.88
CA ASN B 98 -13.08 -7.73 2.36
C ASN B 98 -13.38 -7.00 3.67
N PHE B 99 -14.60 -6.50 3.82
CA PHE B 99 -15.03 -5.90 5.09
C PHE B 99 -16.54 -5.69 5.12
O HGU C . -14.91 14.28 10.44
N HGU C . -16.21 13.89 10.78
C HGU C . -17.19 14.78 10.86
NH1 HGU C . -17.08 15.95 10.43
NH2 HGU C . -18.33 14.47 11.49
C1 GOL D . 3.97 3.52 1.30
O1 GOL D . 4.28 4.42 0.23
C2 GOL D . 3.63 2.10 0.83
O2 GOL D . 2.53 2.10 -0.10
C3 GOL D . 4.89 1.46 0.21
O3 GOL D . 5.72 0.84 1.20
C1 GOL E . 4.08 4.99 4.36
O1 GOL E . 2.89 5.71 3.97
C2 GOL E . 3.76 3.66 5.06
O2 GOL E . 2.77 3.82 6.10
C3 GOL E . 5.03 3.00 5.63
O3 GOL E . 5.79 3.90 6.47
O1 OXY F . -8.90 16.44 10.33
O2 OXY F . -7.96 16.97 10.37
C1 GOL G . 3.02 3.59 -4.98
O1 GOL G . 3.97 3.01 -4.06
C2 GOL G . 2.67 2.63 -6.11
O2 GOL G . 1.82 3.27 -7.09
C3 GOL G . 3.94 2.06 -6.76
O3 GOL G . 3.66 0.86 -7.51
C ACT H . -3.54 -21.56 1.50
O ACT H . -4.36 -21.55 2.43
OXT ACT H . -2.56 -22.32 1.46
CH3 ACT H . -3.74 -20.61 0.38
P PO4 I . 4.70 -5.96 12.45
O1 PO4 I . 4.29 -7.14 11.61
O2 PO4 I . 3.51 -5.03 12.67
O3 PO4 I . 5.17 -6.44 13.81
O4 PO4 I . 5.83 -5.22 11.74
#